data_3NKE
#
_entry.id   3NKE
#
_cell.length_a   53.709
_cell.length_b   90.047
_cell.length_c   121.876
_cell.angle_alpha   90.00
_cell.angle_beta   90.00
_cell.angle_gamma   90.00
#
_symmetry.space_group_name_H-M   'P 21 21 21'
#
loop_
_entity.id
_entity.type
_entity.pdbx_description
1 polymer 'protein ygbT'
2 non-polymer 1,2-ETHANEDIOL
3 non-polymer 'SULFITE ION'
4 non-polymer 'SULFATE ION'
5 water water
#
_entity_poly.entity_id   1
_entity_poly.type   'polypeptide(L)'
_entity_poly.pdbx_seq_one_letter_code
;GGARSDKLLYQAKLALDEDLRLKVVRK(MSE)FELRFGEPAPARRSVEQLRGIEGSRVRATYALLAKQYGVTWNGRRYDP
KDWEKGDTINQCISAATSCLYGVTEAAILAAGYAPAIGFVHTGKPLSFVYDIADIIKFDTVVPKAFEIARRNPGEPDREV
RLACRDIFRSSKTLAKLIPLIEDVLAAGEIQPPAPPEDAQPVAI
;
_entity_poly.pdbx_strand_id   A,B,C
#
# COMPACT_ATOMS: atom_id res chain seq x y z
N ALA A 3 -17.34 6.81 12.27
CA ALA A 3 -17.28 7.80 11.17
C ALA A 3 -16.34 7.40 10.01
N ARG A 4 -15.07 7.00 10.24
CA ARG A 4 -14.26 6.53 9.10
C ARG A 4 -14.96 5.35 8.47
N SER A 5 -15.56 4.45 9.26
CA SER A 5 -16.22 3.27 8.70
C SER A 5 -17.30 3.66 7.72
N ASP A 6 -18.00 4.74 8.00
CA ASP A 6 -19.08 5.16 7.13
C ASP A 6 -18.55 5.61 5.78
N LYS A 7 -17.42 6.32 5.78
CA LYS A 7 -16.83 6.73 4.52
C LYS A 7 -16.42 5.51 3.70
N LEU A 8 -15.78 4.54 4.33
CA LEU A 8 -15.29 3.37 3.65
C LEU A 8 -16.41 2.53 3.12
N LEU A 9 -17.51 2.43 3.87
CA LEU A 9 -18.64 1.65 3.43
C LEU A 9 -19.34 2.34 2.25
N TYR A 10 -19.36 3.67 2.24
CA TYR A 10 -19.93 4.45 1.10
C TYR A 10 -19.09 4.22 -0.16
N GLN A 11 -17.77 4.34 -0.04
CA GLN A 11 -16.89 4.13 -1.21
C GLN A 11 -17.04 2.69 -1.74
N ALA A 12 -17.03 1.71 -0.85
CA ALA A 12 -17.20 0.32 -1.28
C ALA A 12 -18.58 0.10 -1.90
N LYS A 13 -19.63 0.68 -1.35
CA LYS A 13 -20.97 0.54 -1.97
C LYS A 13 -20.94 0.98 -3.43
N LEU A 14 -20.34 2.14 -3.67
CA LEU A 14 -20.27 2.72 -5.00
C LEU A 14 -19.47 1.82 -5.90
N ALA A 15 -18.35 1.28 -5.40
CA ALA A 15 -17.42 0.52 -6.20
C ALA A 15 -17.96 -0.87 -6.55
N LEU A 16 -18.95 -1.36 -5.80
CA LEU A 16 -19.47 -2.73 -6.01
C LEU A 16 -20.76 -2.82 -6.77
N ASP A 17 -21.36 -1.69 -7.08
CA ASP A 17 -22.65 -1.67 -7.77
C ASP A 17 -22.38 -1.21 -9.20
N GLU A 18 -22.76 -1.97 -10.23
CA GLU A 18 -22.39 -1.61 -11.60
C GLU A 18 -22.97 -0.30 -12.05
N ASP A 19 -24.19 0.06 -11.63
N ASP A 19 -24.20 0.02 -11.66
CA ASP A 19 -24.83 1.36 -11.95
CA ASP A 19 -24.78 1.28 -12.03
C ASP A 19 -24.08 2.53 -11.28
C ASP A 19 -23.96 2.40 -11.36
N LEU A 20 -23.71 2.31 -10.05
CA LEU A 20 -23.04 3.37 -9.31
C LEU A 20 -21.62 3.54 -9.80
N ARG A 21 -20.93 2.44 -10.04
CA ARG A 21 -19.55 2.46 -10.56
C ARG A 21 -19.50 3.24 -11.85
N LEU A 22 -20.44 2.97 -12.76
CA LEU A 22 -20.45 3.69 -14.03
C LEU A 22 -20.73 5.18 -13.82
N LYS A 23 -21.64 5.56 -12.92
CA LYS A 23 -21.87 6.96 -12.64
C LYS A 23 -20.57 7.64 -12.19
N VAL A 24 -19.82 6.98 -11.30
CA VAL A 24 -18.56 7.55 -10.79
C VAL A 24 -17.55 7.68 -11.91
N VAL A 25 -17.40 6.63 -12.73
CA VAL A 25 -16.44 6.67 -13.87
C VAL A 25 -16.81 7.75 -14.86
N ARG A 26 -18.10 7.92 -15.13
CA ARG A 26 -18.54 8.99 -16.01
C ARG A 26 -18.15 10.36 -15.45
N LYS A 27 -18.28 10.56 -14.14
CA LYS A 27 -17.90 11.83 -13.54
C LYS A 27 -16.36 12.04 -13.62
N PHE A 29 -14.46 10.95 -15.96
CA PHE A 29 -14.23 11.31 -17.34
C PHE A 29 -14.58 12.77 -17.58
N GLU A 30 -15.72 13.19 -17.07
CA GLU A 30 -16.16 14.55 -17.25
C GLU A 30 -15.20 15.57 -16.65
N LEU A 31 -14.66 15.26 -15.48
CA LEU A 31 -13.71 16.16 -14.85
C LEU A 31 -12.39 16.17 -15.60
N ARG A 32 -11.98 15.02 -16.13
CA ARG A 32 -10.74 14.95 -16.89
C ARG A 32 -10.79 15.76 -18.18
N PHE A 33 -11.92 15.71 -18.86
CA PHE A 33 -12.01 16.25 -20.21
C PHE A 33 -12.88 17.47 -20.34
N GLY A 34 -13.59 17.89 -19.31
CA GLY A 34 -14.52 19.04 -19.42
C GLY A 34 -15.72 18.78 -20.27
N GLU A 35 -16.12 17.53 -20.43
CA GLU A 35 -17.20 17.15 -21.34
C GLU A 35 -18.05 16.08 -20.69
N PRO A 36 -19.35 16.14 -20.93
CA PRO A 36 -20.16 14.99 -20.50
C PRO A 36 -19.63 13.72 -21.11
N ALA A 37 -19.62 12.65 -20.31
CA ALA A 37 -19.15 11.39 -20.77
C ALA A 37 -20.10 10.88 -21.82
N PRO A 38 -19.59 10.26 -22.86
CA PRO A 38 -20.49 9.77 -23.90
C PRO A 38 -21.43 8.72 -23.38
N ALA A 39 -22.67 8.88 -23.83
CA ALA A 39 -23.74 8.00 -23.46
C ALA A 39 -23.54 6.59 -23.99
N ARG A 40 -24.12 5.66 -23.26
CA ARG A 40 -24.20 4.28 -23.69
C ARG A 40 -22.80 3.69 -23.89
N ARG A 41 -21.87 4.04 -22.99
CA ARG A 41 -20.55 3.48 -22.98
C ARG A 41 -20.24 2.91 -21.58
N SER A 42 -19.69 1.73 -21.55
CA SER A 42 -19.36 1.05 -20.30
C SER A 42 -18.11 1.64 -19.70
N VAL A 43 -17.78 1.21 -18.48
CA VAL A 43 -16.52 1.60 -17.88
C VAL A 43 -15.36 1.18 -18.78
N GLU A 44 -15.36 -0.03 -19.33
CA GLU A 44 -14.24 -0.43 -20.19
C GLU A 44 -14.14 0.43 -21.46
N GLN A 45 -15.28 0.78 -22.04
CA GLN A 45 -15.26 1.64 -23.23
C GLN A 45 -14.74 3.05 -22.88
N LEU A 46 -15.14 3.59 -21.73
CA LEU A 46 -14.64 4.90 -21.33
C LEU A 46 -13.13 4.87 -21.06
N ARG A 47 -12.65 3.79 -20.47
CA ARG A 47 -11.21 3.62 -20.25
C ARG A 47 -10.47 3.65 -21.57
N GLY A 48 -11.03 3.03 -22.61
CA GLY A 48 -10.40 3.00 -23.92
C GLY A 48 -10.37 4.38 -24.57
N ILE A 49 -11.47 5.12 -24.47
CA ILE A 49 -11.53 6.44 -25.01
C ILE A 49 -10.54 7.36 -24.28
N GLU A 50 -10.51 7.27 -22.95
CA GLU A 50 -9.54 8.07 -22.21
C GLU A 50 -8.11 7.72 -22.65
N GLY A 51 -7.82 6.43 -22.82
CA GLY A 51 -6.49 6.00 -23.20
C GLY A 51 -6.06 6.54 -24.55
N SER A 52 -6.91 6.52 -25.57
N SER A 52 -6.95 6.48 -25.52
CA SER A 52 -6.55 7.08 -26.88
CA SER A 52 -6.72 7.05 -26.83
C SER A 52 -6.40 8.60 -26.82
C SER A 52 -6.37 8.52 -26.73
N ARG A 53 -7.17 9.28 -25.97
CA ARG A 53 -6.98 10.72 -25.84
C ARG A 53 -5.65 11.03 -25.14
N VAL A 54 -5.32 10.25 -24.13
CA VAL A 54 -4.07 10.44 -23.39
C VAL A 54 -2.87 10.17 -24.29
N ARG A 55 -2.97 9.14 -25.14
CA ARG A 55 -1.88 8.87 -26.10
CA ARG A 55 -1.89 8.86 -26.06
C ARG A 55 -1.65 10.08 -26.97
N ALA A 56 -2.74 10.67 -27.45
CA ALA A 56 -2.65 11.84 -28.27
C ALA A 56 -2.10 13.04 -27.50
N THR A 57 -2.46 13.21 -26.24
CA THR A 57 -1.94 14.32 -25.43
C THR A 57 -0.43 14.20 -25.25
N TYR A 58 0.06 13.00 -24.93
CA TYR A 58 1.52 12.84 -24.79
C TYR A 58 2.25 13.15 -26.09
N ALA A 59 1.69 12.71 -27.21
CA ALA A 59 2.35 12.97 -28.51
C ALA A 59 2.43 14.46 -28.83
N LEU A 60 1.37 15.20 -28.50
CA LEU A 60 1.37 16.64 -28.73
C LEU A 60 2.37 17.34 -27.79
N LEU A 61 2.38 16.96 -26.53
CA LEU A 61 3.38 17.52 -25.59
C LEU A 61 4.77 17.26 -26.10
N ALA A 62 5.04 16.08 -26.63
CA ALA A 62 6.39 15.81 -27.12
C ALA A 62 6.78 16.79 -28.21
N LYS A 63 5.84 17.11 -29.09
CA LYS A 63 6.13 18.07 -30.18
C LYS A 63 6.37 19.44 -29.60
N GLN A 64 5.52 19.84 -28.67
CA GLN A 64 5.56 21.15 -28.04
C GLN A 64 6.80 21.43 -27.17
N TYR A 65 7.49 20.38 -26.79
CA TYR A 65 8.70 20.49 -26.02
C TYR A 65 9.92 19.98 -26.79
N GLY A 66 9.74 19.56 -28.04
CA GLY A 66 10.89 19.13 -28.86
C GLY A 66 11.50 17.82 -28.42
N VAL A 67 10.72 16.93 -27.85
CA VAL A 67 11.18 15.66 -27.30
C VAL A 67 10.88 14.50 -28.23
N THR A 68 11.88 13.64 -28.51
CA THR A 68 11.63 12.47 -29.35
C THR A 68 10.72 11.52 -28.59
N TRP A 69 9.69 11.01 -29.26
CA TRP A 69 8.61 10.27 -28.62
C TRP A 69 7.82 9.32 -29.56
N ASN A 70 7.64 8.10 -29.08
CA ASN A 70 6.98 6.98 -29.73
C ASN A 70 5.84 6.46 -28.84
N GLY A 71 5.64 7.08 -27.67
CA GLY A 71 4.76 6.52 -26.66
C GLY A 71 5.37 6.42 -25.25
N ARG A 72 4.47 6.28 -24.29
CA ARG A 72 4.81 6.21 -22.88
C ARG A 72 5.41 4.83 -22.67
N ARG A 73 6.59 4.75 -22.08
CA ARG A 73 7.17 3.46 -21.80
C ARG A 73 8.26 3.50 -20.74
N TYR A 74 8.27 2.45 -19.95
CA TYR A 74 9.16 2.37 -18.81
C TYR A 74 9.18 0.92 -18.37
N ASP A 75 10.27 0.52 -17.73
CA ASP A 75 10.39 -0.82 -17.16
C ASP A 75 9.29 -1.05 -16.12
N GLU A 80 10.21 3.72 -12.99
CA GLU A 80 11.22 4.70 -12.59
C GLU A 80 12.35 4.87 -13.62
N LYS A 81 12.69 3.80 -14.34
CA LYS A 81 13.78 3.79 -15.34
C LYS A 81 13.26 3.76 -16.79
N GLY A 82 14.06 4.32 -17.71
CA GLY A 82 13.70 4.52 -19.14
C GLY A 82 14.58 5.60 -19.79
N ASP A 83 14.18 6.16 -20.95
CA ASP A 83 14.84 7.36 -21.51
C ASP A 83 14.54 8.59 -20.61
N THR A 84 15.17 9.73 -20.88
CA THR A 84 15.06 10.87 -19.97
C THR A 84 13.59 11.26 -19.83
N ILE A 85 12.86 11.41 -20.94
CA ILE A 85 11.49 11.88 -20.84
C ILE A 85 10.65 10.92 -20.03
N ASN A 86 10.75 9.62 -20.28
CA ASN A 86 9.93 8.69 -19.51
C ASN A 86 10.30 8.63 -18.05
N GLN A 87 11.58 8.79 -17.72
CA GLN A 87 12.00 8.89 -16.33
C GLN A 87 11.42 10.15 -15.69
N CYS A 88 11.40 11.27 -16.42
CA CYS A 88 10.82 12.48 -15.89
C CYS A 88 9.33 12.33 -15.62
N ILE A 89 8.63 11.75 -16.57
CA ILE A 89 7.17 11.55 -16.38
C ILE A 89 6.92 10.64 -15.16
N SER A 90 7.68 9.57 -15.03
CA SER A 90 7.52 8.69 -13.85
C SER A 90 7.80 9.45 -12.56
N ALA A 91 8.86 10.24 -12.53
CA ALA A 91 9.16 11.01 -11.34
C ALA A 91 8.02 11.94 -10.98
N ALA A 92 7.47 12.62 -11.97
CA ALA A 92 6.42 13.57 -11.74
C ALA A 92 5.14 12.90 -11.28
N THR A 93 4.74 11.83 -11.96
CA THR A 93 3.48 11.20 -11.57
CA THR A 93 3.50 11.10 -11.64
C THR A 93 3.62 10.48 -10.24
N SER A 94 4.76 9.90 -9.93
N SER A 94 4.78 9.91 -9.92
CA SER A 94 4.92 9.33 -8.60
CA SER A 94 5.00 9.38 -8.55
C SER A 94 4.83 10.39 -7.48
C SER A 94 4.77 10.44 -7.47
N CYS A 95 5.34 11.60 -7.71
CA CYS A 95 5.17 12.71 -6.78
CA CYS A 95 5.19 12.73 -6.77
C CYS A 95 3.69 13.03 -6.59
N LEU A 96 2.96 13.10 -7.71
CA LEU A 96 1.55 13.37 -7.63
C LEU A 96 0.81 12.24 -6.91
N TYR A 97 1.19 10.98 -7.14
CA TYR A 97 0.52 9.85 -6.43
C TYR A 97 0.64 10.01 -4.93
N GLY A 98 1.75 10.50 -4.43
CA GLY A 98 1.91 10.68 -2.99
C GLY A 98 0.89 11.66 -2.43
N VAL A 99 0.77 12.83 -3.05
N VAL A 99 0.77 12.80 -3.08
CA VAL A 99 -0.16 13.82 -2.55
CA VAL A 99 -0.13 13.83 -2.63
C VAL A 99 -1.62 13.32 -2.74
C VAL A 99 -1.62 13.47 -2.82
N THR A 100 -1.86 12.65 -3.85
CA THR A 100 -3.21 12.14 -4.16
C THR A 100 -3.59 11.14 -3.11
N GLU A 101 -2.67 10.24 -2.71
CA GLU A 101 -2.94 9.35 -1.61
C GLU A 101 -3.27 10.10 -0.36
N ALA A 102 -2.52 11.14 -0.01
CA ALA A 102 -2.80 11.91 1.18
C ALA A 102 -4.18 12.48 1.12
N ALA A 103 -4.63 12.95 -0.06
CA ALA A 103 -5.96 13.55 -0.19
C ALA A 103 -7.06 12.51 0.00
N ILE A 104 -6.87 11.33 -0.55
CA ILE A 104 -7.80 10.23 -0.39
C ILE A 104 -7.92 9.87 1.08
N LEU A 105 -6.77 9.70 1.76
CA LEU A 105 -6.77 9.40 3.20
C LEU A 105 -7.43 10.54 3.99
N ALA A 106 -7.17 11.78 3.61
CA ALA A 106 -7.75 12.94 4.29
C ALA A 106 -9.27 12.91 4.25
N ALA A 107 -9.81 12.40 3.14
CA ALA A 107 -11.26 12.32 2.93
C ALA A 107 -11.82 11.03 3.58
N GLY A 108 -10.97 10.19 4.14
CA GLY A 108 -11.32 8.96 4.88
C GLY A 108 -11.44 7.70 4.03
N TYR A 109 -11.13 7.81 2.73
CA TYR A 109 -11.29 6.73 1.81
C TYR A 109 -10.06 5.85 1.71
N ALA A 110 -10.20 4.76 0.98
CA ALA A 110 -9.15 3.77 0.83
C ALA A 110 -8.49 3.91 -0.52
N PRO A 111 -7.17 4.11 -0.53
CA PRO A 111 -6.43 4.16 -1.81
C PRO A 111 -6.61 2.94 -2.67
N ALA A 112 -6.88 1.77 -2.11
CA ALA A 112 -6.88 0.52 -2.81
C ALA A 112 -8.19 0.27 -3.55
N ILE A 113 -9.27 1.03 -3.28
CA ILE A 113 -10.61 0.69 -3.79
C ILE A 113 -10.95 1.63 -4.93
N GLY A 114 -10.68 1.18 -6.14
CA GLY A 114 -10.82 2.01 -7.33
C GLY A 114 -12.01 1.68 -8.18
N PHE A 115 -12.12 2.44 -9.27
CA PHE A 115 -13.25 2.43 -10.21
C PHE A 115 -12.79 2.12 -11.62
N VAL A 116 -11.90 2.95 -12.17
CA VAL A 116 -11.31 2.68 -13.49
C VAL A 116 -10.21 1.64 -13.33
N HIS A 117 -9.34 1.89 -12.39
CA HIS A 117 -8.27 0.95 -11.98
C HIS A 117 -8.75 0.16 -10.80
N THR A 118 -8.34 -1.10 -10.74
CA THR A 118 -8.73 -1.95 -9.62
C THR A 118 -7.61 -2.94 -9.35
N GLY A 119 -7.57 -3.41 -8.11
CA GLY A 119 -6.75 -4.56 -7.73
C GLY A 119 -5.35 -4.25 -7.24
N LYS A 120 -4.99 -2.99 -7.11
CA LYS A 120 -3.63 -2.60 -6.68
C LYS A 120 -3.71 -1.67 -5.48
N PRO A 121 -2.64 -1.56 -4.69
CA PRO A 121 -2.73 -0.72 -3.49
C PRO A 121 -3.11 0.74 -3.76
N LEU A 122 -2.79 1.22 -4.94
CA LEU A 122 -3.05 2.62 -5.24
C LEU A 122 -4.10 2.79 -6.34
N SER A 123 -4.96 1.79 -6.55
CA SER A 123 -5.92 1.90 -7.68
C SER A 123 -6.74 3.18 -7.68
N PHE A 124 -7.31 3.58 -6.55
CA PHE A 124 -8.09 4.84 -6.49
C PHE A 124 -7.21 6.05 -6.65
N VAL A 125 -5.95 5.97 -6.16
CA VAL A 125 -4.96 7.01 -6.41
C VAL A 125 -4.77 7.20 -7.90
N TYR A 126 -4.63 6.12 -8.65
CA TYR A 126 -4.44 6.23 -10.10
C TYR A 126 -5.64 6.92 -10.73
N ASP A 127 -6.83 6.52 -10.28
CA ASP A 127 -8.05 7.10 -10.82
C ASP A 127 -8.08 8.61 -10.65
N ILE A 128 -7.79 9.06 -9.44
CA ILE A 128 -7.89 10.49 -9.11
C ILE A 128 -6.74 11.29 -9.73
N ALA A 129 -5.51 10.79 -9.61
CA ALA A 129 -4.38 11.50 -10.17
C ALA A 129 -4.54 11.70 -11.67
N ASP A 130 -5.11 10.71 -12.33
CA ASP A 130 -5.30 10.80 -13.77
C ASP A 130 -6.20 11.96 -14.17
N ILE A 131 -7.14 12.36 -13.32
CA ILE A 131 -8.01 13.48 -13.67
C ILE A 131 -7.23 14.76 -13.88
N ILE A 132 -6.20 14.99 -13.05
CA ILE A 132 -5.57 16.31 -13.02
C ILE A 132 -4.14 16.32 -13.51
N LYS A 133 -3.52 15.15 -13.77
CA LYS A 133 -2.08 15.13 -14.00
C LYS A 133 -1.61 15.90 -15.21
N PHE A 134 -2.47 16.18 -16.19
CA PHE A 134 -2.05 16.90 -17.38
C PHE A 134 -2.13 18.41 -17.25
N ASP A 135 -2.62 18.93 -16.12
CA ASP A 135 -2.71 20.39 -15.97
C ASP A 135 -1.31 20.96 -15.91
N THR A 136 -0.50 20.49 -14.98
CA THR A 136 0.85 21.03 -14.76
C THR A 136 1.90 19.98 -14.50
N VAL A 137 1.55 18.83 -13.95
CA VAL A 137 2.51 17.83 -13.54
C VAL A 137 3.20 17.19 -14.74
N VAL A 138 2.43 16.63 -15.67
CA VAL A 138 3.04 16.00 -16.84
C VAL A 138 3.70 17.06 -17.75
N PRO A 139 3.13 18.23 -17.98
CA PRO A 139 3.86 19.28 -18.70
C PRO A 139 5.20 19.60 -18.05
N LYS A 140 5.25 19.60 -16.72
CA LYS A 140 6.52 19.95 -16.05
C LYS A 140 7.57 18.89 -16.35
N ALA A 141 7.18 17.63 -16.43
CA ALA A 141 8.10 16.57 -16.80
C ALA A 141 8.70 16.85 -18.20
N PHE A 142 7.88 17.25 -19.14
CA PHE A 142 8.35 17.57 -20.49
C PHE A 142 9.25 18.79 -20.45
N GLU A 143 8.90 19.79 -19.65
CA GLU A 143 9.71 21.00 -19.54
C GLU A 143 11.10 20.64 -19.04
N ILE A 144 11.21 19.81 -18.00
CA ILE A 144 12.49 19.39 -17.42
CA ILE A 144 12.51 19.48 -17.45
C ILE A 144 13.27 18.56 -18.41
N ALA A 145 12.61 17.64 -19.09
CA ALA A 145 13.30 16.81 -20.08
C ALA A 145 13.95 17.68 -21.16
N ARG A 146 13.19 18.64 -21.68
CA ARG A 146 13.73 19.59 -22.67
C ARG A 146 14.92 20.38 -22.09
N ARG A 147 14.82 20.82 -20.84
CA ARG A 147 15.91 21.53 -20.17
C ARG A 147 17.17 20.65 -20.11
N ASN A 148 17.01 19.34 -19.97
CA ASN A 148 18.08 18.38 -19.89
C ASN A 148 19.11 18.73 -18.80
N PRO A 149 18.66 18.97 -17.56
CA PRO A 149 19.60 19.30 -16.48
C PRO A 149 20.40 18.10 -16.01
N GLY A 150 21.38 18.37 -15.15
CA GLY A 150 22.23 17.30 -14.61
C GLY A 150 21.49 16.18 -13.92
N GLU A 151 20.52 16.52 -13.09
CA GLU A 151 19.79 15.50 -12.34
C GLU A 151 18.30 15.68 -12.58
N PRO A 152 17.81 15.17 -13.72
CA PRO A 152 16.44 15.51 -14.11
C PRO A 152 15.37 14.98 -13.18
N ASP A 153 15.51 13.77 -12.65
CA ASP A 153 14.46 13.29 -11.72
C ASP A 153 14.40 14.18 -10.46
N ARG A 154 15.54 14.57 -9.91
CA ARG A 154 15.52 15.48 -8.77
C ARG A 154 14.90 16.83 -9.16
N GLU A 155 15.22 17.34 -10.35
CA GLU A 155 14.63 18.61 -10.74
C GLU A 155 13.10 18.49 -10.87
N VAL A 156 12.64 17.35 -11.36
CA VAL A 156 11.18 17.09 -11.44
C VAL A 156 10.59 17.08 -10.06
N ARG A 157 11.22 16.36 -9.13
CA ARG A 157 10.71 16.35 -7.75
C ARG A 157 10.63 17.71 -7.09
N LEU A 158 11.70 18.49 -7.22
CA LEU A 158 11.71 19.85 -6.73
C LEU A 158 10.55 20.65 -7.31
N ALA A 159 10.40 20.59 -8.62
CA ALA A 159 9.38 21.38 -9.31
C ALA A 159 7.98 20.93 -8.93
N CYS A 160 7.78 19.63 -8.76
CA CYS A 160 6.45 19.16 -8.42
C CYS A 160 6.10 19.48 -6.98
N ARG A 161 7.05 19.34 -6.06
CA ARG A 161 6.79 19.79 -4.68
C ARG A 161 6.37 21.24 -4.65
N ASP A 162 7.01 22.09 -5.46
CA ASP A 162 6.67 23.48 -5.53
C ASP A 162 5.25 23.70 -6.13
N ILE A 163 4.93 22.95 -7.19
CA ILE A 163 3.55 23.00 -7.72
C ILE A 163 2.55 22.68 -6.61
N PHE A 164 2.77 21.57 -5.90
CA PHE A 164 1.77 21.15 -4.91
C PHE A 164 1.68 22.14 -3.77
N ARG A 165 2.81 22.70 -3.34
CA ARG A 165 2.80 23.69 -2.28
C ARG A 165 2.07 24.96 -2.72
N SER A 166 2.44 25.47 -3.87
CA SER A 166 1.95 26.76 -4.36
CA SER A 166 1.93 26.78 -4.28
C SER A 166 0.49 26.68 -4.76
N SER A 167 0.11 25.55 -5.35
CA SER A 167 -1.25 25.32 -5.90
C SER A 167 -2.22 24.80 -4.89
N LYS A 168 -1.78 24.41 -3.71
CA LYS A 168 -2.64 23.82 -2.68
C LYS A 168 -3.34 22.57 -3.24
N THR A 169 -2.57 21.75 -3.91
CA THR A 169 -3.11 20.57 -4.59
C THR A 169 -3.85 19.61 -3.66
N LEU A 170 -3.28 19.29 -2.51
CA LEU A 170 -3.90 18.38 -1.54
C LEU A 170 -5.28 18.92 -1.13
N ALA A 171 -5.32 20.17 -0.69
CA ALA A 171 -6.57 20.73 -0.22
C ALA A 171 -7.61 20.72 -1.32
N LYS A 172 -7.23 21.03 -2.55
CA LYS A 172 -8.15 21.06 -3.67
CA LYS A 172 -8.17 21.08 -3.63
C LYS A 172 -8.62 19.69 -4.09
N LEU A 173 -7.80 18.66 -3.91
CA LEU A 173 -8.19 17.33 -4.30
C LEU A 173 -9.28 16.80 -3.41
N ILE A 174 -9.30 17.20 -2.16
CA ILE A 174 -10.26 16.58 -1.23
C ILE A 174 -11.72 16.79 -1.70
N PRO A 175 -12.16 18.03 -1.98
CA PRO A 175 -13.53 18.18 -2.51
C PRO A 175 -13.71 17.56 -3.89
N LEU A 176 -12.65 17.47 -4.65
CA LEU A 176 -12.75 16.85 -5.97
C LEU A 176 -13.09 15.36 -5.79
N ILE A 177 -12.42 14.68 -4.85
CA ILE A 177 -12.67 13.27 -4.57
C ILE A 177 -14.12 13.12 -4.10
N GLU A 178 -14.58 14.02 -3.23
CA GLU A 178 -15.95 13.89 -2.76
C GLU A 178 -16.91 14.10 -3.92
N ASP A 179 -16.62 15.05 -4.80
CA ASP A 179 -17.52 15.31 -5.96
C ASP A 179 -17.57 14.09 -6.89
N VAL A 180 -16.44 13.42 -7.10
CA VAL A 180 -16.39 12.24 -7.92
C VAL A 180 -17.32 11.14 -7.35
N LEU A 181 -17.22 10.88 -6.04
CA LEU A 181 -18.05 9.85 -5.40
C LEU A 181 -19.50 10.30 -5.36
N ALA A 182 -19.74 11.59 -5.17
CA ALA A 182 -21.15 12.07 -5.06
C ALA A 182 -21.90 11.86 -6.38
N ALA A 183 -21.20 11.64 -7.50
CA ALA A 183 -21.85 11.39 -8.75
C ALA A 183 -22.64 10.09 -8.77
N GLY A 184 -22.40 9.19 -7.81
CA GLY A 184 -23.21 8.01 -7.65
C GLY A 184 -24.64 8.33 -7.27
N GLU A 185 -24.92 9.55 -6.81
CA GLU A 185 -26.28 10.00 -6.40
C GLU A 185 -26.84 9.21 -5.22
N ILE A 186 -25.91 8.77 -4.37
CA ILE A 186 -26.16 8.17 -3.03
C ILE A 186 -25.81 9.27 -2.03
N GLN A 187 -26.66 9.50 -1.02
CA GLN A 187 -26.41 10.50 -0.01
C GLN A 187 -25.05 10.27 0.62
N PRO A 188 -24.17 11.28 0.56
CA PRO A 188 -22.84 11.07 1.13
C PRO A 188 -22.88 11.04 2.64
N PRO A 189 -21.89 10.42 3.28
CA PRO A 189 -21.69 10.50 4.72
C PRO A 189 -21.61 11.95 5.19
N GLY B 1 -4.56 6.91 24.53
CA GLY B 1 -3.82 7.42 23.34
C GLY B 1 -4.69 7.55 22.09
N GLY B 2 -6.01 7.43 22.26
CA GLY B 2 -6.94 7.55 21.15
C GLY B 2 -7.36 6.20 20.60
N ALA B 3 -8.55 6.16 20.01
CA ALA B 3 -9.21 4.92 19.63
C ALA B 3 -8.47 4.11 18.55
N ARG B 4 -7.99 4.82 17.54
CA ARG B 4 -7.24 4.18 16.46
C ARG B 4 -5.90 3.59 16.94
N SER B 5 -5.16 4.37 17.73
CA SER B 5 -3.93 3.89 18.38
C SER B 5 -4.22 2.67 19.25
N ASP B 6 -5.29 2.75 20.04
CA ASP B 6 -5.71 1.63 20.89
C ASP B 6 -5.99 0.34 20.11
N LYS B 7 -6.70 0.44 18.98
CA LYS B 7 -6.96 -0.73 18.18
C LYS B 7 -5.69 -1.34 17.59
N LEU B 8 -4.82 -0.50 17.07
CA LEU B 8 -3.59 -0.99 16.54
C LEU B 8 -2.73 -1.68 17.58
N LEU B 9 -2.64 -1.11 18.78
CA LEU B 9 -1.85 -1.70 19.85
C LEU B 9 -2.43 -3.05 20.28
N TYR B 10 -3.75 -3.17 20.26
CA TYR B 10 -4.41 -4.47 20.51
C TYR B 10 -4.07 -5.50 19.46
N GLN B 11 -4.28 -5.18 18.17
CA GLN B 11 -3.95 -6.10 17.08
C GLN B 11 -2.45 -6.51 17.13
N ALA B 12 -1.56 -5.55 17.34
CA ALA B 12 -0.11 -5.84 17.38
C ALA B 12 0.27 -6.68 18.60
N LYS B 13 -0.34 -6.45 19.76
CA LYS B 13 -0.10 -7.27 20.93
C LYS B 13 -0.42 -8.73 20.60
N LEU B 14 -1.58 -8.96 20.00
CA LEU B 14 -2.00 -10.30 19.63
C LEU B 14 -1.04 -10.95 18.61
N ALA B 15 -0.59 -10.15 17.65
CA ALA B 15 0.18 -10.68 16.52
C ALA B 15 1.61 -10.97 16.94
N LEU B 16 2.11 -10.28 17.95
CA LEU B 16 3.52 -10.36 18.33
C LEU B 16 3.79 -11.35 19.47
N ASP B 17 2.73 -11.77 20.16
CA ASP B 17 2.84 -12.72 21.26
C ASP B 17 2.56 -14.11 20.69
N GLU B 18 3.50 -15.04 20.84
CA GLU B 18 3.35 -16.35 20.20
C GLU B 18 2.16 -17.14 20.71
N ASP B 19 1.80 -16.97 21.97
CA ASP B 19 0.61 -17.67 22.48
C ASP B 19 -0.66 -17.06 21.95
N LEU B 20 -0.73 -15.73 21.97
CA LEU B 20 -1.93 -15.07 21.52
C LEU B 20 -2.15 -15.28 20.03
N ARG B 21 -1.06 -15.18 19.27
CA ARG B 21 -1.17 -15.39 17.85
C ARG B 21 -1.65 -16.79 17.47
N LEU B 22 -1.16 -17.80 18.20
CA LEU B 22 -1.64 -19.15 17.96
C LEU B 22 -3.13 -19.30 18.31
N LYS B 23 -3.58 -18.65 19.38
CA LYS B 23 -5.04 -18.66 19.67
C LYS B 23 -5.85 -18.05 18.52
N VAL B 24 -5.36 -16.94 17.97
CA VAL B 24 -6.03 -16.26 16.83
C VAL B 24 -6.02 -17.20 15.63
N VAL B 25 -4.86 -17.80 15.32
CA VAL B 25 -4.79 -18.71 14.16
C VAL B 25 -5.72 -19.94 14.31
N ARG B 26 -5.81 -20.47 15.50
CA ARG B 26 -6.72 -21.63 15.74
C ARG B 26 -8.18 -21.24 15.50
N LYS B 27 -8.55 -20.01 15.85
CA LYS B 27 -9.90 -19.50 15.58
C LYS B 27 -10.09 -19.36 14.09
N PHE B 29 -8.65 -21.08 11.75
CA PHE B 29 -8.74 -22.43 11.22
C PHE B 29 -10.13 -23.00 11.44
N GLU B 30 -10.68 -22.80 12.64
CA GLU B 30 -12.01 -23.29 12.98
C GLU B 30 -13.06 -22.66 12.08
N LEU B 31 -12.99 -21.35 11.88
CA LEU B 31 -13.96 -20.66 11.00
C LEU B 31 -13.80 -21.14 9.57
N ARG B 32 -12.57 -21.36 9.13
CA ARG B 32 -12.35 -21.80 7.74
C ARG B 32 -12.83 -23.24 7.48
N PHE B 33 -12.57 -24.14 8.41
CA PHE B 33 -12.76 -25.56 8.14
C PHE B 33 -13.90 -26.17 8.92
N GLY B 34 -14.49 -25.43 9.85
CA GLY B 34 -15.64 -25.93 10.61
C GLY B 34 -15.31 -27.04 11.59
N GLU B 35 -14.07 -27.07 12.06
CA GLU B 35 -13.68 -28.01 13.08
C GLU B 35 -12.42 -27.50 13.73
N PRO B 36 -12.10 -27.97 14.94
CA PRO B 36 -10.88 -27.49 15.57
C PRO B 36 -9.63 -28.03 14.91
N ALA B 37 -8.54 -27.28 14.95
CA ALA B 37 -7.28 -27.79 14.45
C ALA B 37 -6.77 -28.88 15.41
N PRO B 38 -5.92 -29.79 14.90
CA PRO B 38 -5.35 -30.78 15.80
C PRO B 38 -4.53 -30.19 16.96
N ALA B 39 -4.40 -30.98 18.02
CA ALA B 39 -3.65 -30.53 19.20
C ALA B 39 -2.19 -30.27 18.93
N ARG B 40 -1.71 -29.23 19.59
CA ARG B 40 -0.30 -28.85 19.67
C ARG B 40 0.33 -28.47 18.34
N ARG B 41 -0.48 -28.07 17.38
CA ARG B 41 0.07 -27.62 16.12
C ARG B 41 0.52 -26.17 16.23
N SER B 42 1.69 -25.89 15.66
CA SER B 42 2.19 -24.55 15.53
C SER B 42 1.49 -23.82 14.39
N VAL B 43 1.64 -22.50 14.35
CA VAL B 43 1.08 -21.73 13.21
C VAL B 43 1.67 -22.28 11.93
N GLU B 44 2.97 -22.51 11.90
CA GLU B 44 3.59 -23.08 10.71
C GLU B 44 2.93 -24.40 10.29
N GLN B 45 2.66 -25.30 11.26
CA GLN B 45 2.03 -26.57 10.95
C GLN B 45 0.62 -26.37 10.48
N LEU B 46 -0.11 -25.44 11.08
CA LEU B 46 -1.47 -25.18 10.63
C LEU B 46 -1.50 -24.58 9.23
N ARG B 47 -0.56 -23.68 8.94
CA ARG B 47 -0.41 -23.15 7.57
C ARG B 47 -0.20 -24.30 6.58
N GLY B 48 0.61 -25.30 6.95
CA GLY B 48 0.83 -26.48 6.12
C GLY B 48 -0.40 -27.35 5.93
N ILE B 49 -1.15 -27.57 6.99
CA ILE B 49 -2.41 -28.31 6.92
C ILE B 49 -3.42 -27.57 6.04
N GLU B 50 -3.57 -26.26 6.27
CA GLU B 50 -4.40 -25.46 5.36
C GLU B 50 -3.96 -25.61 3.91
N GLY B 51 -2.65 -25.56 3.66
CA GLY B 51 -2.14 -25.66 2.28
C GLY B 51 -2.55 -26.96 1.64
N SER B 52 -2.48 -28.07 2.36
CA SER B 52 -2.80 -29.37 1.77
C SER B 52 -4.29 -29.51 1.54
N ARG B 53 -5.11 -29.02 2.45
CA ARG B 53 -6.56 -29.02 2.27
C ARG B 53 -6.95 -28.13 1.09
N VAL B 54 -6.29 -26.99 0.93
CA VAL B 54 -6.54 -26.10 -0.21
C VAL B 54 -6.18 -26.77 -1.56
N ARG B 55 -5.04 -27.41 -1.61
CA ARG B 55 -4.65 -28.15 -2.82
C ARG B 55 -5.75 -29.16 -3.20
N ALA B 56 -6.29 -29.86 -2.22
CA ALA B 56 -7.35 -30.82 -2.44
C ALA B 56 -8.63 -30.13 -2.92
N THR B 57 -8.97 -28.98 -2.35
CA THR B 57 -10.18 -28.26 -2.71
C THR B 57 -10.14 -27.76 -4.15
N TYR B 58 -8.99 -27.24 -4.58
CA TYR B 58 -8.85 -26.82 -5.97
C TYR B 58 -9.10 -28.00 -6.91
N ALA B 59 -8.54 -29.16 -6.56
CA ALA B 59 -8.65 -30.38 -7.37
C ALA B 59 -10.10 -30.83 -7.49
N LEU B 60 -10.82 -30.75 -6.38
CA LEU B 60 -12.24 -31.13 -6.35
C LEU B 60 -13.07 -30.18 -7.20
N LEU B 61 -12.81 -28.88 -7.05
CA LEU B 61 -13.52 -27.88 -7.86
C LEU B 61 -13.26 -28.08 -9.35
N ALA B 62 -12.01 -28.39 -9.71
CA ALA B 62 -11.69 -28.64 -11.11
C ALA B 62 -12.51 -29.82 -11.63
N LYS B 63 -12.58 -30.90 -10.85
CA LYS B 63 -13.37 -32.07 -11.22
C LYS B 63 -14.85 -31.75 -11.37
N GLN B 64 -15.39 -31.02 -10.40
CA GLN B 64 -16.82 -30.70 -10.38
C GLN B 64 -17.28 -29.82 -11.54
N TYR B 65 -16.43 -28.87 -11.91
CA TYR B 65 -16.72 -27.93 -12.98
C TYR B 65 -16.16 -28.36 -14.34
N GLY B 66 -15.34 -29.41 -14.39
CA GLY B 66 -14.80 -29.89 -15.66
C GLY B 66 -13.75 -28.97 -16.25
N VAL B 67 -12.88 -28.47 -15.39
CA VAL B 67 -11.87 -27.51 -15.76
C VAL B 67 -10.56 -28.26 -15.69
N THR B 68 -9.73 -28.13 -16.73
CA THR B 68 -8.40 -28.75 -16.74
C THR B 68 -7.53 -28.07 -15.67
N TRP B 69 -6.86 -28.86 -14.84
CA TRP B 69 -6.20 -28.33 -13.64
C TRP B 69 -4.78 -28.88 -13.49
N ASN B 70 -3.80 -27.99 -13.57
CA ASN B 70 -2.40 -28.36 -13.43
C ASN B 70 -1.77 -27.72 -12.19
N GLY B 71 -2.63 -27.33 -11.26
CA GLY B 71 -2.22 -26.76 -10.00
C GLY B 71 -2.23 -25.25 -10.02
N ARG B 72 -2.16 -24.69 -8.83
CA ARG B 72 -2.17 -23.24 -8.65
C ARG B 72 -0.81 -22.64 -9.00
N ARG B 73 -0.81 -21.55 -9.76
CA ARG B 73 0.42 -20.92 -10.26
C ARG B 73 1.17 -20.18 -9.14
N LYS B 81 1.01 -14.05 -17.86
CA LYS B 81 -0.18 -14.63 -17.23
C LYS B 81 -0.11 -16.14 -17.32
N GLY B 82 -0.79 -16.81 -16.40
CA GLY B 82 -0.88 -18.27 -16.41
C GLY B 82 -2.01 -18.76 -17.31
N ASP B 83 -2.50 -19.95 -17.02
CA ASP B 83 -3.63 -20.51 -17.76
C ASP B 83 -4.91 -19.78 -17.40
N THR B 84 -5.97 -20.04 -18.15
CA THR B 84 -7.24 -19.32 -17.92
C THR B 84 -7.74 -19.53 -16.50
N ILE B 85 -7.74 -20.75 -15.98
CA ILE B 85 -8.26 -20.99 -14.63
C ILE B 85 -7.43 -20.22 -13.61
N ASN B 86 -6.11 -20.22 -13.72
CA ASN B 86 -5.33 -19.43 -12.75
C ASN B 86 -5.56 -17.92 -12.87
N GLN B 87 -5.79 -17.43 -14.09
CA GLN B 87 -6.16 -16.04 -14.30
C GLN B 87 -7.47 -15.72 -13.60
N CYS B 88 -8.42 -16.63 -13.64
CA CYS B 88 -9.71 -16.43 -13.02
C CYS B 88 -9.60 -16.46 -11.50
N ILE B 89 -8.86 -17.42 -10.96
CA ILE B 89 -8.69 -17.53 -9.51
C ILE B 89 -8.01 -16.23 -9.02
N SER B 90 -6.97 -15.78 -9.72
CA SER B 90 -6.27 -14.56 -9.33
C SER B 90 -7.17 -13.31 -9.37
N ALA B 91 -8.01 -13.16 -10.39
CA ALA B 91 -8.97 -12.07 -10.47
C ALA B 91 -9.95 -12.09 -9.32
N ALA B 92 -10.52 -13.28 -9.04
CA ALA B 92 -11.48 -13.46 -7.93
C ALA B 92 -10.86 -13.13 -6.59
N THR B 93 -9.66 -13.62 -6.34
CA THR B 93 -9.07 -13.45 -5.02
C THR B 93 -8.62 -11.99 -4.91
N SER B 94 -8.13 -11.38 -6.00
CA SER B 94 -7.78 -9.96 -5.95
C SER B 94 -9.04 -9.13 -5.59
N CYS B 95 -10.16 -9.43 -6.21
CA CYS B 95 -11.40 -8.70 -5.93
CA CYS B 95 -11.41 -8.72 -5.91
C CYS B 95 -11.76 -8.85 -4.45
N LEU B 96 -11.71 -10.08 -3.96
CA LEU B 96 -11.93 -10.31 -2.53
C LEU B 96 -10.96 -9.58 -1.62
N TYR B 97 -9.67 -9.53 -1.99
CA TYR B 97 -8.75 -8.75 -1.20
C TYR B 97 -9.14 -7.31 -1.03
N GLY B 98 -9.64 -6.70 -2.10
CA GLY B 98 -10.08 -5.32 -2.00
C GLY B 98 -11.20 -5.13 -0.99
N VAL B 99 -12.22 -5.94 -1.09
CA VAL B 99 -13.32 -5.86 -0.09
C VAL B 99 -12.86 -6.20 1.35
N THR B 100 -11.93 -7.15 1.46
CA THR B 100 -11.38 -7.56 2.76
C THR B 100 -10.57 -6.42 3.36
N GLU B 101 -9.76 -5.75 2.53
CA GLU B 101 -9.01 -4.60 3.02
C GLU B 101 -9.99 -3.53 3.51
N ALA B 102 -11.05 -3.25 2.74
CA ALA B 102 -12.04 -2.24 3.14
C ALA B 102 -12.66 -2.60 4.49
N ALA B 103 -12.93 -3.89 4.68
CA ALA B 103 -13.49 -4.37 5.92
C ALA B 103 -12.54 -4.23 7.10
N ILE B 104 -11.26 -4.58 6.90
CA ILE B 104 -10.27 -4.40 7.94
C ILE B 104 -10.14 -2.92 8.31
N LEU B 105 -10.01 -2.04 7.32
CA LEU B 105 -9.91 -0.59 7.56
C LEU B 105 -11.18 -0.04 8.27
N ALA B 106 -12.33 -0.51 7.87
CA ALA B 106 -13.62 -0.13 8.49
C ALA B 106 -13.71 -0.57 9.95
N ALA B 107 -13.21 -1.77 10.27
CA ALA B 107 -13.14 -2.30 11.61
C ALA B 107 -12.15 -1.55 12.45
N GLY B 108 -11.25 -0.79 11.81
CA GLY B 108 -10.28 0.00 12.51
C GLY B 108 -8.93 -0.64 12.73
N TYR B 109 -8.61 -1.62 11.91
CA TYR B 109 -7.40 -2.43 12.08
C TYR B 109 -6.44 -2.28 10.89
N ALA B 110 -5.28 -2.95 10.98
CA ALA B 110 -4.16 -2.74 10.07
C ALA B 110 -4.05 -3.91 9.10
N PRO B 111 -4.17 -3.65 7.80
CA PRO B 111 -3.91 -4.66 6.82
C PRO B 111 -2.53 -5.34 6.91
N ALA B 112 -1.47 -4.70 7.43
CA ALA B 112 -0.12 -5.25 7.37
C ALA B 112 0.22 -6.24 8.50
N ILE B 113 -0.61 -6.25 9.55
CA ILE B 113 -0.30 -7.00 10.77
C ILE B 113 -1.10 -8.31 10.81
N GLY B 114 -0.48 -9.39 10.32
CA GLY B 114 -1.11 -10.68 10.18
C GLY B 114 -0.69 -11.71 11.25
N PHE B 115 -1.27 -12.88 11.05
CA PHE B 115 -1.21 -14.05 11.98
C PHE B 115 -0.71 -15.30 11.28
N VAL B 116 -1.39 -15.77 10.24
CA VAL B 116 -0.89 -16.89 9.43
C VAL B 116 0.14 -16.37 8.45
N HIS B 117 -0.26 -15.36 7.69
CA HIS B 117 0.64 -14.61 6.83
C HIS B 117 1.21 -13.49 7.64
N THR B 118 2.52 -13.26 7.56
CA THR B 118 3.13 -12.13 8.25
C THR B 118 4.22 -11.51 7.38
N GLY B 119 4.50 -10.20 7.48
CA GLY B 119 5.52 -9.53 6.60
C GLY B 119 5.25 -8.83 5.27
N LYS B 120 4.02 -8.62 4.87
CA LYS B 120 3.69 -7.88 3.65
C LYS B 120 2.71 -6.83 4.04
N PRO B 121 2.52 -5.80 3.21
CA PRO B 121 1.57 -4.77 3.61
C PRO B 121 0.12 -5.26 3.75
N LEU B 122 -0.20 -6.41 3.19
CA LEU B 122 -1.56 -6.97 3.19
C LEU B 122 -1.67 -8.31 3.90
N SER B 123 -0.70 -8.65 4.74
CA SER B 123 -0.75 -9.96 5.39
C SER B 123 -2.08 -10.29 6.09
N PHE B 124 -2.64 -9.36 6.86
CA PHE B 124 -3.90 -9.65 7.55
C PHE B 124 -5.04 -9.80 6.54
N VAL B 125 -4.96 -9.04 5.44
CA VAL B 125 -5.95 -9.17 4.38
C VAL B 125 -5.94 -10.60 3.85
N TYR B 126 -4.76 -11.13 3.60
CA TYR B 126 -4.65 -12.50 3.14
C TYR B 126 -5.22 -13.52 4.18
N ASP B 127 -4.97 -13.30 5.46
CA ASP B 127 -5.51 -14.17 6.50
C ASP B 127 -7.05 -14.19 6.45
N ILE B 128 -7.67 -13.03 6.43
CA ILE B 128 -9.14 -12.94 6.54
C ILE B 128 -9.79 -13.44 5.27
N ALA B 129 -9.25 -13.01 4.13
CA ALA B 129 -9.75 -13.49 2.85
C ALA B 129 -9.73 -15.01 2.77
N ASP B 130 -8.68 -15.64 3.28
CA ASP B 130 -8.56 -17.07 3.14
C ASP B 130 -9.64 -17.79 3.92
N ILE B 131 -10.16 -17.19 4.98
CA ILE B 131 -11.24 -17.83 5.74
C ILE B 131 -12.49 -18.05 4.92
N ILE B 132 -12.80 -17.13 4.02
CA ILE B 132 -14.08 -17.21 3.29
C ILE B 132 -13.98 -17.43 1.79
N LYS B 133 -12.78 -17.39 1.23
CA LYS B 133 -12.67 -17.36 -0.24
C LYS B 133 -13.18 -18.59 -0.92
N PHE B 134 -13.18 -19.74 -0.29
CA PHE B 134 -13.69 -20.95 -0.90
C PHE B 134 -15.20 -21.13 -0.76
N ASP B 135 -15.88 -20.19 -0.10
CA ASP B 135 -17.35 -20.30 0.03
C ASP B 135 -18.05 -20.07 -1.31
N THR B 136 -17.80 -18.94 -1.94
CA THR B 136 -18.37 -18.66 -3.26
C THR B 136 -17.36 -18.07 -4.27
N VAL B 137 -16.33 -17.36 -3.80
CA VAL B 137 -15.45 -16.58 -4.69
C VAL B 137 -14.62 -17.54 -5.58
N VAL B 138 -13.89 -18.47 -4.97
CA VAL B 138 -13.10 -19.42 -5.78
C VAL B 138 -14.01 -20.33 -6.62
N PRO B 139 -15.12 -20.87 -6.06
CA PRO B 139 -16.04 -21.61 -6.95
C PRO B 139 -16.48 -20.78 -8.16
N LYS B 140 -16.72 -19.48 -7.97
CA LYS B 140 -17.13 -18.62 -9.09
C LYS B 140 -16.05 -18.51 -10.17
N ALA B 141 -14.79 -18.46 -9.74
CA ALA B 141 -13.65 -18.45 -10.66
C ALA B 141 -13.70 -19.70 -11.52
N PHE B 142 -14.02 -20.86 -10.93
CA PHE B 142 -14.08 -22.10 -11.69
C PHE B 142 -15.25 -22.11 -12.64
N GLU B 143 -16.39 -21.62 -12.18
CA GLU B 143 -17.60 -21.51 -13.05
C GLU B 143 -17.32 -20.69 -14.31
N ILE B 144 -16.64 -19.55 -14.13
CA ILE B 144 -16.35 -18.68 -15.25
C ILE B 144 -15.26 -19.27 -16.14
N ALA B 145 -14.23 -19.88 -15.56
CA ALA B 145 -13.18 -20.49 -16.35
C ALA B 145 -13.76 -21.56 -17.29
N ARG B 146 -14.73 -22.32 -16.79
CA ARG B 146 -15.47 -23.36 -17.56
C ARG B 146 -16.15 -22.78 -18.80
N ARG B 147 -16.52 -21.50 -18.79
CA ARG B 147 -17.06 -20.84 -20.00
C ARG B 147 -16.02 -20.53 -21.09
N ASN B 148 -14.74 -20.81 -20.82
CA ASN B 148 -13.60 -20.26 -21.58
C ASN B 148 -13.79 -18.79 -22.03
N PRO B 149 -13.72 -17.85 -21.08
CA PRO B 149 -13.89 -16.42 -21.35
C PRO B 149 -12.67 -15.83 -22.07
N GLY B 150 -12.91 -14.99 -23.06
CA GLY B 150 -11.84 -14.18 -23.64
C GLY B 150 -11.38 -13.09 -22.69
N GLU B 151 -12.24 -12.68 -21.76
CA GLU B 151 -11.89 -11.61 -20.81
C GLU B 151 -12.06 -12.08 -19.37
N PRO B 152 -11.16 -12.98 -18.93
CA PRO B 152 -11.38 -13.60 -17.61
C PRO B 152 -11.36 -12.60 -16.47
N ASP B 153 -10.41 -11.66 -16.47
CA ASP B 153 -10.34 -10.70 -15.36
C ASP B 153 -11.64 -9.90 -15.27
N ARG B 154 -12.10 -9.39 -16.42
CA ARG B 154 -13.31 -8.56 -16.45
C ARG B 154 -14.55 -9.33 -15.97
N GLU B 155 -14.74 -10.54 -16.50
CA GLU B 155 -15.89 -11.33 -16.18
C GLU B 155 -15.93 -11.77 -14.73
N VAL B 156 -14.78 -12.21 -14.20
CA VAL B 156 -14.71 -12.65 -12.82
C VAL B 156 -14.95 -11.48 -11.88
N ARG B 157 -14.36 -10.32 -12.14
CA ARG B 157 -14.57 -9.19 -11.25
C ARG B 157 -16.03 -8.73 -11.27
N LEU B 158 -16.67 -8.73 -12.43
CA LEU B 158 -18.09 -8.41 -12.52
C LEU B 158 -18.87 -9.34 -11.58
N ALA B 159 -18.64 -10.64 -11.73
CA ALA B 159 -19.31 -11.64 -10.94
C ALA B 159 -19.03 -11.54 -9.43
N CYS B 160 -17.79 -11.26 -9.05
CA CYS B 160 -17.44 -11.15 -7.65
C CYS B 160 -17.97 -9.86 -7.02
N ARG B 161 -17.96 -8.74 -7.75
CA ARG B 161 -18.65 -7.55 -7.22
C ARG B 161 -20.10 -7.85 -6.89
N ASP B 162 -20.79 -8.63 -7.74
CA ASP B 162 -22.19 -8.97 -7.48
C ASP B 162 -22.30 -9.85 -6.24
N ILE B 163 -21.41 -10.83 -6.08
CA ILE B 163 -21.38 -11.63 -4.81
C ILE B 163 -21.26 -10.74 -3.58
N PHE B 164 -20.31 -9.82 -3.62
CA PHE B 164 -20.07 -8.98 -2.44
C PHE B 164 -21.23 -8.02 -2.17
N ARG B 165 -21.80 -7.47 -3.22
CA ARG B 165 -22.96 -6.60 -3.09
C ARG B 165 -24.16 -7.37 -2.55
N SER B 166 -24.46 -8.51 -3.14
CA SER B 166 -25.67 -9.25 -2.78
CA SER B 166 -25.65 -9.30 -2.80
C SER B 166 -25.57 -9.97 -1.43
N SER B 167 -24.34 -10.33 -1.02
CA SER B 167 -24.12 -11.12 0.20
C SER B 167 -23.84 -10.23 1.38
N LYS B 168 -23.63 -8.94 1.15
CA LYS B 168 -23.23 -8.00 2.18
C LYS B 168 -21.92 -8.48 2.79
N THR B 169 -20.99 -8.84 1.92
CA THR B 169 -19.73 -9.43 2.35
C THR B 169 -18.91 -8.52 3.24
N LEU B 170 -18.76 -7.27 2.86
CA LEU B 170 -17.99 -6.31 3.63
C LEU B 170 -18.60 -6.18 5.03
N ALA B 171 -19.92 -5.94 5.12
CA ALA B 171 -20.57 -5.79 6.40
C ALA B 171 -20.42 -7.03 7.27
N LYS B 172 -20.51 -8.23 6.68
CA LYS B 172 -20.35 -9.49 7.43
C LYS B 172 -18.91 -9.77 7.83
N LEU B 173 -17.94 -9.26 7.10
CA LEU B 173 -16.57 -9.45 7.46
C LEU B 173 -16.18 -8.68 8.69
N ILE B 174 -16.83 -7.54 8.95
CA ILE B 174 -16.42 -6.72 10.07
C ILE B 174 -16.53 -7.48 11.40
N PRO B 175 -17.71 -8.05 11.70
CA PRO B 175 -17.77 -8.81 12.96
C PRO B 175 -16.90 -10.07 12.96
N LEU B 176 -16.66 -10.67 11.80
CA LEU B 176 -15.77 -11.84 11.72
C LEU B 176 -14.34 -11.42 12.10
N ILE B 177 -13.87 -10.28 11.60
CA ILE B 177 -12.54 -9.78 11.95
C ILE B 177 -12.41 -9.53 13.45
N GLU B 178 -13.46 -8.91 14.01
CA GLU B 178 -13.45 -8.63 15.45
C GLU B 178 -13.45 -9.95 16.26
N ASP B 179 -14.20 -10.95 15.79
CA ASP B 179 -14.25 -12.23 16.49
C ASP B 179 -12.91 -12.95 16.42
N VAL B 180 -12.25 -12.87 15.27
CA VAL B 180 -10.95 -13.52 15.12
C VAL B 180 -9.95 -12.96 16.13
N LEU B 181 -9.89 -11.63 16.24
CA LEU B 181 -8.99 -11.01 17.20
C LEU B 181 -9.40 -11.30 18.64
N ALA B 182 -10.72 -11.42 18.87
CA ALA B 182 -11.25 -11.72 20.19
C ALA B 182 -10.79 -13.06 20.69
N ALA B 183 -10.43 -13.97 19.80
CA ALA B 183 -9.98 -15.30 20.23
C ALA B 183 -8.66 -15.29 21.02
N GLY B 184 -7.89 -14.20 20.99
CA GLY B 184 -6.73 -14.05 21.86
C GLY B 184 -7.08 -13.99 23.35
N GLU B 185 -8.37 -13.79 23.65
CA GLU B 185 -8.88 -13.74 25.02
C GLU B 185 -8.35 -12.52 25.78
N ILE B 186 -8.02 -11.47 25.04
CA ILE B 186 -7.65 -10.16 25.55
C ILE B 186 -8.88 -9.27 25.39
N GLN B 187 -9.20 -8.46 26.40
CA GLN B 187 -10.39 -7.62 26.34
C GLN B 187 -10.28 -6.72 25.13
N PRO B 188 -11.29 -6.77 24.22
CA PRO B 188 -11.25 -5.95 23.03
C PRO B 188 -11.36 -4.46 23.35
N PRO B 189 -10.81 -3.61 22.47
CA PRO B 189 -11.07 -2.17 22.62
C PRO B 189 -12.56 -1.84 22.34
N ALA B 190 -13.08 -0.70 22.78
CA ALA B 190 -12.38 0.31 23.58
C ALA B 190 -12.05 -0.18 24.98
N GLY C 1 -13.15 14.03 10.62
CA GLY C 1 -13.25 14.61 9.25
C GLY C 1 -12.29 15.76 9.04
N GLY C 2 -12.54 16.86 9.76
CA GLY C 2 -11.61 17.99 9.85
C GLY C 2 -10.31 17.65 10.57
N ALA C 3 -10.40 16.99 11.72
CA ALA C 3 -9.20 16.51 12.43
C ALA C 3 -8.38 15.57 11.51
N ARG C 4 -9.08 14.65 10.87
CA ARG C 4 -8.44 13.65 10.01
C ARG C 4 -7.65 14.34 8.88
N SER C 5 -8.30 15.27 8.19
CA SER C 5 -7.61 15.99 7.14
C SER C 5 -6.50 16.88 7.67
N ASP C 6 -6.64 17.46 8.86
CA ASP C 6 -5.60 18.37 9.37
C ASP C 6 -4.24 17.68 9.55
N LYS C 7 -4.24 16.40 9.93
CA LYS C 7 -2.99 15.66 10.12
C LYS C 7 -2.26 15.56 8.77
N LEU C 8 -2.98 15.20 7.73
CA LEU C 8 -2.40 15.10 6.39
C LEU C 8 -1.94 16.41 5.84
N LEU C 9 -2.68 17.48 6.05
CA LEU C 9 -2.22 18.78 5.61
C LEU C 9 -0.95 19.21 6.35
N TYR C 10 -0.82 18.87 7.63
CA TYR C 10 0.39 19.18 8.39
C TYR C 10 1.59 18.42 7.84
N GLN C 11 1.46 17.11 7.67
CA GLN C 11 2.54 16.31 7.09
C GLN C 11 2.93 16.83 5.72
N ALA C 12 1.96 17.15 4.88
CA ALA C 12 2.29 17.65 3.56
C ALA C 12 2.92 19.00 3.58
N LYS C 13 2.48 19.88 4.49
CA LYS C 13 3.12 21.17 4.59
C LYS C 13 4.60 21.02 4.84
N LEU C 14 4.92 20.16 5.79
CA LEU C 14 6.30 19.88 6.12
C LEU C 14 7.08 19.29 4.94
N ALA C 15 6.48 18.35 4.23
CA ALA C 15 7.16 17.62 3.19
C ALA C 15 7.31 18.42 1.90
N LEU C 16 6.49 19.43 1.67
CA LEU C 16 6.48 20.13 0.39
C LEU C 16 7.24 21.43 0.45
N ASP C 17 7.65 21.87 1.61
CA ASP C 17 8.39 23.10 1.79
C ASP C 17 9.86 22.72 1.99
N GLU C 18 10.76 23.21 1.18
CA GLU C 18 12.12 22.71 1.22
C GLU C 18 12.81 23.01 2.54
N ASP C 19 12.46 24.14 3.15
CA ASP C 19 13.08 24.49 4.45
C ASP C 19 12.57 23.57 5.56
N LEU C 20 11.26 23.38 5.61
CA LEU C 20 10.66 22.54 6.63
C LEU C 20 11.14 21.10 6.47
N ARG C 21 11.20 20.63 5.25
CA ARG C 21 11.62 19.28 4.98
C ARG C 21 13.03 19.02 5.51
N LEU C 22 13.90 20.00 5.31
CA LEU C 22 15.26 19.86 5.80
C LEU C 22 15.32 19.83 7.30
N LYS C 23 14.47 20.58 8.00
CA LYS C 23 14.43 20.51 9.45
C LYS C 23 14.05 19.10 9.90
N VAL C 24 13.05 18.50 9.25
CA VAL C 24 12.59 17.16 9.61
C VAL C 24 13.72 16.13 9.32
N VAL C 25 14.36 16.24 8.15
CA VAL C 25 15.43 15.32 7.77
C VAL C 25 16.59 15.43 8.78
N ARG C 26 16.92 16.64 9.25
CA ARG C 26 18.03 16.77 10.19
C ARG C 26 17.68 16.12 11.54
N LYS C 27 16.41 16.18 11.93
CA LYS C 27 15.98 15.53 13.16
C LYS C 27 16.06 14.01 13.03
N PHE C 29 18.04 12.40 11.08
CA PHE C 29 19.45 12.06 11.11
C PHE C 29 19.99 11.95 12.52
N GLU C 30 19.69 12.96 13.34
CA GLU C 30 20.19 12.97 14.68
C GLU C 30 19.64 11.83 15.50
N LEU C 31 18.37 11.52 15.38
CA LEU C 31 17.80 10.39 16.10
C LEU C 31 18.44 9.06 15.67
N ARG C 32 18.69 8.93 14.38
CA ARG C 32 19.26 7.71 13.84
C ARG C 32 20.70 7.49 14.27
N PHE C 33 21.50 8.54 14.17
CA PHE C 33 22.95 8.43 14.30
C PHE C 33 23.47 8.88 15.65
N GLY C 34 22.67 9.58 16.43
CA GLY C 34 23.14 10.08 17.74
C GLY C 34 24.09 11.23 17.64
N GLU C 35 24.11 11.91 16.49
CA GLU C 35 24.87 13.14 16.38
C GLU C 35 24.25 14.00 15.30
N PRO C 36 24.57 15.31 15.31
CA PRO C 36 23.85 16.16 14.39
C PRO C 36 24.27 15.98 12.97
N ALA C 37 23.33 16.30 12.07
CA ALA C 37 23.60 16.35 10.67
C ALA C 37 24.61 17.44 10.38
N PRO C 38 25.53 17.17 9.44
CA PRO C 38 26.47 18.24 9.03
C PRO C 38 25.72 19.46 8.50
N ALA C 39 26.24 20.65 8.81
CA ALA C 39 25.60 21.90 8.37
C ALA C 39 25.75 22.12 6.87
N ARG C 40 24.87 22.92 6.28
CA ARG C 40 25.02 23.34 4.87
C ARG C 40 25.00 22.18 3.91
N ARG C 41 24.21 21.15 4.26
CA ARG C 41 24.00 20.03 3.38
CA ARG C 41 24.00 20.02 3.39
C ARG C 41 22.52 19.95 3.07
N SER C 42 22.21 19.74 1.80
CA SER C 42 20.85 19.57 1.35
C SER C 42 20.34 18.19 1.78
N VAL C 43 19.04 17.96 1.61
CA VAL C 43 18.54 16.63 1.85
C VAL C 43 19.23 15.60 0.92
N GLU C 44 19.39 15.93 -0.36
CA GLU C 44 20.12 15.03 -1.25
C GLU C 44 21.52 14.69 -0.73
N GLN C 45 22.25 15.68 -0.22
CA GLN C 45 23.57 15.42 0.33
C GLN C 45 23.49 14.56 1.61
N LEU C 46 22.55 14.87 2.49
CA LEU C 46 22.34 14.07 3.69
C LEU C 46 22.01 12.63 3.34
N ARG C 47 21.21 12.43 2.29
CA ARG C 47 20.85 11.09 1.85
C ARG C 47 22.08 10.32 1.42
N GLY C 48 23.02 10.99 0.77
CA GLY C 48 24.28 10.36 0.38
C GLY C 48 25.17 10.01 1.56
N ILE C 49 25.21 10.90 2.56
CA ILE C 49 25.94 10.66 3.79
C ILE C 49 25.34 9.47 4.51
N GLU C 50 24.02 9.44 4.63
CA GLU C 50 23.35 8.29 5.22
C GLU C 50 23.70 7.01 4.51
N GLY C 51 23.67 7.04 3.19
CA GLY C 51 23.96 5.86 2.42
C GLY C 51 25.35 5.36 2.67
N SER C 52 26.33 6.26 2.79
CA SER C 52 27.69 5.79 3.06
CA SER C 52 27.71 5.85 3.10
C SER C 52 27.80 5.20 4.46
N ARG C 53 27.13 5.79 5.44
CA ARG C 53 27.14 5.23 6.78
C ARG C 53 26.46 3.89 6.81
N VAL C 54 25.40 3.69 6.04
CA VAL C 54 24.71 2.41 5.96
C VAL C 54 25.60 1.34 5.33
N ARG C 55 26.25 1.67 4.24
CA ARG C 55 27.20 0.72 3.66
C ARG C 55 28.28 0.35 4.65
N ALA C 56 28.79 1.30 5.39
CA ALA C 56 29.82 1.05 6.45
C ALA C 56 29.26 0.17 7.56
N THR C 57 27.99 0.34 7.91
CA THR C 57 27.41 -0.45 8.98
C THR C 57 27.22 -1.88 8.54
N TYR C 58 26.70 -2.09 7.33
CA TYR C 58 26.58 -3.45 6.82
C TYR C 58 27.97 -4.12 6.77
N ALA C 59 29.01 -3.40 6.35
CA ALA C 59 30.38 -3.93 6.29
C ALA C 59 30.87 -4.35 7.65
N LEU C 60 30.63 -3.52 8.65
CA LEU C 60 31.09 -3.77 10.01
C LEU C 60 30.35 -4.98 10.58
N LEU C 61 29.03 -5.06 10.39
CA LEU C 61 28.28 -6.23 10.84
C LEU C 61 28.76 -7.50 10.15
N ALA C 62 29.01 -7.46 8.85
CA ALA C 62 29.44 -8.65 8.09
C ALA C 62 30.78 -9.09 8.68
N LYS C 63 31.65 -8.14 8.99
CA LYS C 63 32.99 -8.49 9.46
C LYS C 63 32.89 -9.09 10.86
N GLN C 64 32.12 -8.45 11.72
CA GLN C 64 31.97 -8.90 13.10
C GLN C 64 31.32 -10.27 13.19
N TYR C 65 30.30 -10.52 12.37
CA TYR C 65 29.56 -11.79 12.46
C TYR C 65 30.25 -12.88 11.65
N GLY C 66 31.19 -12.50 10.80
CA GLY C 66 31.90 -13.45 9.95
C GLY C 66 31.07 -13.98 8.82
N VAL C 67 30.29 -13.10 8.19
CA VAL C 67 29.37 -13.47 7.15
C VAL C 67 29.89 -12.95 5.80
N THR C 68 29.86 -13.80 4.78
CA THR C 68 30.24 -13.40 3.42
C THR C 68 29.31 -12.27 2.94
N TRP C 69 29.90 -11.20 2.39
CA TRP C 69 29.16 -10.01 2.08
C TRP C 69 29.75 -9.25 0.89
N ASN C 70 28.90 -8.96 -0.09
CA ASN C 70 29.26 -8.16 -1.27
C ASN C 70 28.26 -7.03 -1.54
N GLY C 71 27.64 -6.55 -0.47
CA GLY C 71 26.75 -5.43 -0.56
C GLY C 71 25.30 -5.87 -0.50
N ARG C 72 24.45 -4.89 -0.26
CA ARG C 72 23.03 -5.15 -0.20
C ARG C 72 22.46 -5.39 -1.59
N ARG C 73 21.72 -6.48 -1.73
CA ARG C 73 21.15 -6.92 -3.00
C ARG C 73 19.76 -7.47 -2.76
N TYR C 74 18.76 -6.80 -3.34
CA TYR C 74 17.34 -7.12 -3.13
C TYR C 74 16.85 -8.10 -4.20
N ASP C 83 24.12 -14.73 -0.32
CA ASP C 83 22.81 -15.36 -0.59
C ASP C 83 21.87 -15.29 0.63
N THR C 84 22.18 -16.09 1.64
CA THR C 84 21.34 -16.26 2.80
C THR C 84 21.24 -14.93 3.53
N ILE C 85 22.35 -14.18 3.61
CA ILE C 85 22.34 -12.91 4.37
C ILE C 85 21.36 -11.91 3.78
N ASN C 86 21.34 -11.73 2.48
CA ASN C 86 20.40 -10.77 1.89
C ASN C 86 18.95 -11.22 2.06
N GLN C 87 18.71 -12.52 1.99
CA GLN C 87 17.38 -13.07 2.23
C GLN C 87 16.95 -12.76 3.66
N CYS C 88 17.86 -12.92 4.63
CA CYS C 88 17.53 -12.66 6.04
C CYS C 88 17.28 -11.19 6.27
N ILE C 89 18.11 -10.32 5.71
CA ILE C 89 17.91 -8.86 5.86
C ILE C 89 16.55 -8.49 5.28
N SER C 90 16.21 -8.99 4.10
CA SER C 90 14.91 -8.66 3.50
C SER C 90 13.73 -9.13 4.36
N ALA C 91 13.83 -10.31 4.92
CA ALA C 91 12.78 -10.81 5.76
C ALA C 91 12.63 -9.92 6.99
N ALA C 92 13.74 -9.51 7.58
CA ALA C 92 13.73 -8.69 8.77
C ALA C 92 13.18 -7.30 8.49
N THR C 93 13.64 -6.68 7.42
CA THR C 93 13.19 -5.31 7.18
C THR C 93 11.73 -5.33 6.75
N SER C 94 11.26 -6.36 6.06
CA SER C 94 9.85 -6.44 5.69
CA SER C 94 9.84 -6.48 5.71
C SER C 94 8.98 -6.49 6.96
N CYS C 95 9.43 -7.22 7.96
CA CYS C 95 8.72 -7.25 9.22
C CYS C 95 8.62 -5.82 9.82
N LEU C 96 9.75 -5.15 9.87
CA LEU C 96 9.78 -3.80 10.40
C LEU C 96 8.93 -2.81 9.58
N TYR C 97 8.97 -2.92 8.27
CA TYR C 97 8.20 -1.99 7.44
C TYR C 97 6.71 -2.19 7.71
N GLY C 98 6.26 -3.41 7.97
CA GLY C 98 4.83 -3.61 8.19
C GLY C 98 4.35 -2.93 9.45
N VAL C 99 5.07 -3.07 10.53
CA VAL C 99 4.61 -2.42 11.75
CA VAL C 99 4.73 -2.43 11.80
C VAL C 99 4.81 -0.92 11.65
N THR C 100 5.83 -0.46 10.94
CA THR C 100 5.98 0.98 10.71
C THR C 100 4.82 1.54 9.87
N GLU C 101 4.43 0.88 8.80
CA GLU C 101 3.36 1.38 7.91
C GLU C 101 2.06 1.45 8.71
N ALA C 102 1.80 0.43 9.49
CA ALA C 102 0.60 0.38 10.31
C ALA C 102 0.61 1.56 11.29
N ALA C 103 1.74 1.85 11.96
CA ALA C 103 1.87 2.97 12.91
C ALA C 103 1.63 4.29 12.24
N ILE C 104 2.26 4.49 11.09
CA ILE C 104 2.01 5.70 10.29
C ILE C 104 0.53 5.88 9.92
N LEU C 105 -0.12 4.86 9.38
CA LEU C 105 -1.54 4.96 9.02
C LEU C 105 -2.37 5.28 10.27
N ALA C 106 -2.12 4.59 11.39
CA ALA C 106 -2.89 4.82 12.62
C ALA C 106 -2.69 6.20 13.20
N ALA C 107 -1.49 6.77 13.10
CA ALA C 107 -1.16 8.15 13.51
C ALA C 107 -1.90 9.14 12.63
N GLY C 108 -2.51 8.68 11.51
CA GLY C 108 -3.25 9.53 10.64
C GLY C 108 -2.47 10.13 9.49
N TYR C 109 -1.30 9.56 9.20
CA TYR C 109 -0.42 10.08 8.18
C TYR C 109 -0.44 9.23 6.93
N ALA C 110 0.21 9.73 5.87
CA ALA C 110 0.28 9.09 4.57
C ALA C 110 1.64 8.41 4.39
N PRO C 111 1.66 7.11 4.09
CA PRO C 111 2.93 6.44 3.91
C PRO C 111 3.76 6.92 2.74
N ALA C 112 3.11 7.53 1.75
CA ALA C 112 3.78 7.97 0.54
C ALA C 112 4.39 9.35 0.63
N ILE C 113 4.12 10.12 1.70
CA ILE C 113 4.67 11.47 1.81
C ILE C 113 5.86 11.40 2.76
N GLY C 114 7.02 11.28 2.17
CA GLY C 114 8.29 11.21 2.89
C GLY C 114 9.15 12.43 2.77
N PHE C 115 10.33 12.29 3.34
CA PHE C 115 11.26 13.37 3.56
C PHE C 115 12.62 13.07 2.97
N VAL C 116 13.28 12.02 3.42
CA VAL C 116 14.57 11.58 2.82
C VAL C 116 14.32 10.77 1.57
N HIS C 117 13.48 9.77 1.72
CA HIS C 117 12.96 8.96 0.64
C HIS C 117 11.74 9.74 0.17
N THR C 118 11.60 9.97 -1.11
CA THR C 118 10.37 10.60 -1.60
C THR C 118 9.99 9.89 -2.91
N GLY C 119 8.69 9.77 -3.20
CA GLY C 119 8.19 9.19 -4.48
C GLY C 119 7.91 7.69 -4.66
N LYS C 120 7.97 6.90 -3.60
CA LYS C 120 7.53 5.51 -3.65
C LYS C 120 6.36 5.50 -2.74
N PRO C 121 5.51 4.49 -2.84
CA PRO C 121 4.28 4.48 -2.07
C PRO C 121 4.57 4.37 -0.56
N LEU C 122 5.75 3.91 -0.19
CA LEU C 122 6.09 3.73 1.22
C LEU C 122 7.28 4.62 1.64
N SER C 123 7.51 5.75 0.97
CA SER C 123 8.65 6.63 1.29
C SER C 123 8.74 6.97 2.79
N PHE C 124 7.63 7.36 3.43
CA PHE C 124 7.70 7.76 4.84
C PHE C 124 7.93 6.55 5.73
N VAL C 125 7.46 5.39 5.31
CA VAL C 125 7.74 4.14 6.01
C VAL C 125 9.26 3.91 6.07
N TYR C 126 9.90 4.05 4.93
CA TYR C 126 11.36 3.88 4.88
C TYR C 126 12.07 4.90 5.74
N ASP C 127 11.62 6.15 5.73
CA ASP C 127 12.22 7.18 6.57
C ASP C 127 12.17 6.80 8.03
N ILE C 128 11.00 6.42 8.50
CA ILE C 128 10.84 6.15 9.95
C ILE C 128 11.53 4.85 10.34
N ALA C 129 11.30 3.79 9.57
CA ALA C 129 11.95 2.51 9.88
C ALA C 129 13.47 2.64 9.90
N ASP C 130 14.04 3.44 9.00
CA ASP C 130 15.49 3.58 8.92
C ASP C 130 16.07 4.19 10.18
N ILE C 131 15.29 4.94 10.96
CA ILE C 131 15.82 5.52 12.19
C ILE C 131 16.24 4.43 13.18
N ILE C 132 15.51 3.32 13.18
CA ILE C 132 15.73 2.26 14.17
C ILE C 132 16.22 0.94 13.61
N LYS C 133 16.23 0.75 12.31
CA LYS C 133 16.43 -0.59 11.80
C LYS C 133 17.74 -1.24 12.11
N PHE C 134 18.82 -0.47 12.21
CA PHE C 134 20.15 -1.04 12.48
C PHE C 134 20.41 -1.26 13.96
N ASP C 135 19.50 -0.90 14.84
CA ASP C 135 19.73 -1.05 16.28
C ASP C 135 19.76 -2.52 16.69
N THR C 136 18.69 -3.25 16.39
CA THR C 136 18.59 -4.66 16.69
C THR C 136 18.15 -5.52 15.51
N VAL C 137 17.29 -5.00 14.64
CA VAL C 137 16.65 -5.82 13.62
C VAL C 137 17.70 -6.30 12.60
N VAL C 138 18.45 -5.40 12.00
CA VAL C 138 19.46 -5.83 11.02
C VAL C 138 20.57 -6.68 11.68
N PRO C 139 21.09 -6.29 12.87
CA PRO C 139 22.07 -7.19 13.51
C PRO C 139 21.54 -8.60 13.72
N LYS C 140 20.25 -8.73 14.08
CA LYS C 140 19.64 -10.03 14.25
C LYS C 140 19.66 -10.82 12.98
N ALA C 141 19.39 -10.18 11.85
CA ALA C 141 19.48 -10.84 10.55
C ALA C 141 20.86 -11.44 10.29
N PHE C 142 21.90 -10.71 10.67
CA PHE C 142 23.26 -11.24 10.57
C PHE C 142 23.50 -12.42 11.49
N GLU C 143 23.05 -12.32 12.73
CA GLU C 143 23.22 -13.41 13.67
C GLU C 143 22.57 -14.68 13.11
N ILE C 144 21.37 -14.53 12.54
CA ILE C 144 20.65 -15.69 12.03
C ILE C 144 21.29 -16.23 10.78
N ALA C 145 21.69 -15.35 9.86
CA ALA C 145 22.35 -15.82 8.64
C ALA C 145 23.59 -16.61 8.99
N ARG C 146 24.31 -16.14 10.01
CA ARG C 146 25.60 -16.77 10.38
C ARG C 146 25.41 -18.18 10.90
N ARG C 147 24.23 -18.48 11.43
CA ARG C 147 23.87 -19.85 11.88
C ARG C 147 23.60 -20.75 10.71
N ASN C 148 23.34 -20.19 9.53
CA ASN C 148 22.96 -21.02 8.37
C ASN C 148 21.81 -22.01 8.72
N PRO C 149 20.69 -21.53 9.27
CA PRO C 149 19.61 -22.42 9.74
C PRO C 149 18.79 -23.04 8.60
N GLY C 150 18.06 -24.10 8.90
CA GLY C 150 17.24 -24.77 7.89
C GLY C 150 16.10 -23.93 7.35
N GLU C 151 15.49 -23.11 8.22
CA GLU C 151 14.38 -22.21 7.83
C GLU C 151 14.72 -20.77 8.24
N PRO C 152 15.61 -20.11 7.48
CA PRO C 152 16.05 -18.77 7.92
C PRO C 152 14.93 -17.72 7.97
N ASP C 153 14.06 -17.66 6.97
CA ASP C 153 12.94 -16.70 7.01
C ASP C 153 12.10 -16.84 8.28
N ARG C 154 11.73 -18.07 8.63
CA ARG C 154 10.95 -18.28 9.85
C ARG C 154 11.73 -17.86 11.06
N GLU C 155 13.03 -18.15 11.10
CA GLU C 155 13.81 -17.77 12.25
C GLU C 155 13.86 -16.25 12.38
N VAL C 156 13.98 -15.57 11.26
CA VAL C 156 13.99 -14.10 11.28
C VAL C 156 12.65 -13.55 11.75
N ARG C 157 11.57 -14.13 11.23
CA ARG C 157 10.21 -13.68 11.66
C ARG C 157 10.01 -13.82 13.14
N LEU C 158 10.35 -14.98 13.69
CA LEU C 158 10.14 -15.18 15.10
C LEU C 158 11.04 -14.26 15.92
N ALA C 159 12.28 -14.04 15.48
CA ALA C 159 13.14 -13.13 16.20
C ALA C 159 12.61 -11.70 16.16
N CYS C 160 12.09 -11.29 15.02
CA CYS C 160 11.58 -9.92 14.88
C CYS C 160 10.33 -9.73 15.73
N ARG C 161 9.45 -10.72 15.79
CA ARG C 161 8.30 -10.62 16.71
C ARG C 161 8.77 -10.42 18.11
N ASP C 162 9.76 -11.17 18.55
CA ASP C 162 10.29 -11.02 19.90
C ASP C 162 10.93 -9.64 20.12
N ILE C 163 11.72 -9.16 19.16
CA ILE C 163 12.29 -7.84 19.27
C ILE C 163 11.19 -6.77 19.41
N PHE C 164 10.16 -6.83 18.58
CA PHE C 164 9.10 -5.81 18.61
C PHE C 164 8.33 -5.89 19.91
N ARG C 165 8.06 -7.10 20.41
CA ARG C 165 7.31 -7.27 21.66
CA ARG C 165 7.31 -7.27 21.66
C ARG C 165 8.14 -6.79 22.83
N SER C 166 9.37 -7.26 22.94
CA SER C 166 10.21 -6.94 24.07
C SER C 166 10.64 -5.50 24.11
N SER C 167 10.77 -4.86 22.95
CA SER C 167 11.23 -3.48 22.84
C SER C 167 10.10 -2.49 22.85
N LYS C 168 8.86 -2.96 22.81
CA LYS C 168 7.71 -2.05 22.76
C LYS C 168 7.87 -1.16 21.53
N THR C 169 8.25 -1.75 20.41
CA THR C 169 8.51 -1.01 19.18
C THR C 169 7.33 -0.21 18.71
N LEU C 170 6.16 -0.80 18.63
CA LEU C 170 4.97 -0.07 18.13
CA LEU C 170 4.99 -0.07 18.13
C LEU C 170 4.63 1.11 19.02
N ALA C 171 4.56 0.88 20.33
CA ALA C 171 4.19 1.95 21.26
C ALA C 171 5.17 3.10 21.16
N LYS C 172 6.42 2.84 20.77
CA LYS C 172 7.41 3.89 20.64
C LYS C 172 7.32 4.56 19.25
N LEU C 173 6.87 3.85 18.24
CA LEU C 173 6.87 4.43 16.89
C LEU C 173 5.93 5.62 16.75
N ILE C 174 4.78 5.56 17.39
CA ILE C 174 3.82 6.62 17.19
C ILE C 174 4.34 7.99 17.72
N PRO C 175 4.82 8.03 18.98
CA PRO C 175 5.48 9.29 19.42
C PRO C 175 6.76 9.67 18.65
N LEU C 176 7.52 8.69 18.16
CA LEU C 176 8.69 8.96 17.32
C LEU C 176 8.27 9.75 16.06
N ILE C 177 7.22 9.27 15.40
CA ILE C 177 6.69 9.92 14.20
C ILE C 177 6.34 11.38 14.53
N GLU C 178 5.70 11.61 15.66
CA GLU C 178 5.29 12.97 16.00
C GLU C 178 6.50 13.83 16.33
N ASP C 179 7.49 13.24 16.99
CA ASP C 179 8.72 13.96 17.35
C ASP C 179 9.48 14.42 16.11
N VAL C 180 9.56 13.55 15.11
CA VAL C 180 10.23 13.87 13.88
C VAL C 180 9.53 15.04 13.16
N LEU C 181 8.21 14.92 13.04
CA LEU C 181 7.45 15.95 12.33
C LEU C 181 7.51 17.29 13.09
N ALA C 182 7.54 17.23 14.43
CA ALA C 182 7.53 18.44 15.26
C ALA C 182 8.80 19.26 15.08
N ALA C 183 9.87 18.65 14.55
CA ALA C 183 11.09 19.38 14.31
C ALA C 183 10.92 20.44 13.25
N GLY C 184 9.85 20.40 12.43
CA GLY C 184 9.65 21.52 11.52
C GLY C 184 9.20 22.81 12.18
N GLU C 185 8.81 22.74 13.46
CA GLU C 185 8.45 23.91 14.29
C GLU C 185 7.19 24.60 13.81
N ILE C 186 6.31 23.84 13.17
CA ILE C 186 4.92 24.19 12.85
C ILE C 186 3.99 23.60 13.92
N GLN C 187 2.93 24.32 14.28
CA GLN C 187 1.99 23.82 15.29
C GLN C 187 1.29 22.53 14.80
N PRO C 188 1.38 21.43 15.57
CA PRO C 188 0.74 20.22 15.11
C PRO C 188 -0.76 20.39 15.25
N PRO C 189 -1.56 19.60 14.52
CA PRO C 189 -2.99 19.68 14.73
C PRO C 189 -3.47 18.78 15.88
N ALA C 190 -4.75 18.92 16.23
CA ALA C 190 -5.36 18.18 17.32
C ALA C 190 -5.78 16.74 16.97
#